data_4UGK
#
_entry.id   4UGK
#
_cell.length_a   80.770
_cell.length_b   94.760
_cell.length_c   62.090
_cell.angle_alpha   90.00
_cell.angle_beta   90.00
_cell.angle_gamma   90.00
#
_symmetry.space_group_name_H-M   'P 21 21 2'
#
loop_
_entity.id
_entity.type
_entity.pdbx_description
1 polymer 'NITRIC OXIDE SYNTHASE OXYGENASE'
2 non-polymer 'PROTOPORPHYRIN IX CONTAINING FE'
3 non-polymer 5,6,7,8-TETRAHYDROBIOPTERIN
4 non-polymer 'CHLORIDE ION'
5 non-polymer 6-[2-[5-[2-(dimethylamino)ethyl]pyridin-3-yl]ethyl]-4-methyl-pyridin-2-amine
6 water water
#
_entity_poly.entity_id   1
_entity_poly.type   'polypeptide(L)'
_entity_poly.pdbx_seq_one_letter_code
;MEEKEILWNEAKAFIAACYQELGKAAEVKDRLADIKSEIDLTGSYVHTKEELEHGAKMAWRNSNRCIGRLFWNSLNVIDR
RDVRTKEEVRDALFHHIETATNNGKIRPTITIFPPEEKGEKQVEIWNHQLIRYAGYESDGERIGDPASCSLTAACEELGW
RGERTDFDLLPLIFRMKGDEQPVWYELPRSLVIEVPITHPDIEAFSDLELKWYGVPIISDMKLEVGGIHYNAAPFNGWYM
GTEIGARNLADEKRYDKLKKVASVIGIAADYNTDLWKDQALVELNKAVLHSYKKQGVSIVDHHTAASQFKRFEEQAEEAG
RKLTGDWTWLIPPISPAATHIFHRSYDNSIVKPNYFYQDKPYE
;
_entity_poly.pdbx_strand_id   A
#
loop_
_chem_comp.id
_chem_comp.type
_chem_comp.name
_chem_comp.formula
7S9 non-polymer 6-[2-[5-[2-(dimethylamino)ethyl]pyridin-3-yl]ethyl]-4-methyl-pyridin-2-amine 'C17 H24 N4'
CL non-polymer 'CHLORIDE ION' 'Cl -1'
H4B non-polymer 5,6,7,8-TETRAHYDROBIOPTERIN 'C9 H15 N5 O3'
HEM non-polymer 'PROTOPORPHYRIN IX CONTAINING FE' 'C34 H32 Fe N4 O4'
#
# COMPACT_ATOMS: atom_id res chain seq x y z
N GLU A 2 -25.21 21.69 -3.92
CA GLU A 2 -24.89 20.52 -4.72
C GLU A 2 -23.85 19.63 -4.03
N GLU A 3 -22.68 20.20 -3.75
CA GLU A 3 -21.59 19.46 -3.15
C GLU A 3 -21.87 19.24 -1.67
N LYS A 4 -22.52 20.20 -1.04
CA LYS A 4 -22.86 20.08 0.37
C LYS A 4 -24.04 19.13 0.57
N GLU A 5 -24.77 18.87 -0.50
CA GLU A 5 -25.80 17.82 -0.46
C GLU A 5 -25.11 16.45 -0.42
N ILE A 6 -24.19 16.24 -1.36
CA ILE A 6 -23.44 15.00 -1.43
C ILE A 6 -22.69 14.76 -0.12
N LEU A 7 -22.02 15.80 0.38
CA LEU A 7 -21.26 15.71 1.62
C LEU A 7 -22.15 15.29 2.78
N TRP A 8 -23.26 16.01 2.96
CA TRP A 8 -24.18 15.76 4.06
C TRP A 8 -24.76 14.36 4.00
N ASN A 9 -25.09 13.90 2.79
CA ASN A 9 -25.61 12.55 2.61
C ASN A 9 -24.58 11.48 2.96
N GLU A 10 -23.33 11.71 2.53
CA GLU A 10 -22.27 10.77 2.84
C GLU A 10 -22.04 10.77 4.35
N ALA A 11 -22.13 11.95 4.95
CA ALA A 11 -21.87 12.09 6.39
C ALA A 11 -22.89 11.30 7.21
N LYS A 12 -24.17 11.43 6.84
CA LYS A 12 -25.25 10.71 7.51
C LYS A 12 -25.04 9.21 7.47
N ALA A 13 -24.73 8.68 6.29
CA ALA A 13 -24.51 7.25 6.13
C ALA A 13 -23.31 6.80 6.97
N PHE A 14 -22.22 7.56 6.92
CA PHE A 14 -21.00 7.17 7.63
C PHE A 14 -21.15 7.24 9.15
N ILE A 15 -21.57 8.40 9.66
CA ILE A 15 -21.69 8.61 11.10
C ILE A 15 -22.62 7.57 11.71
N ALA A 16 -23.76 7.35 11.06
CA ALA A 16 -24.69 6.32 11.50
C ALA A 16 -24.00 4.97 11.64
N ALA A 17 -23.28 4.54 10.61
CA ALA A 17 -22.65 3.22 10.62
C ALA A 17 -21.48 3.13 11.60
N CYS A 18 -20.67 4.19 11.62
CA CYS A 18 -19.49 4.24 12.49
C CYS A 18 -19.89 4.17 13.96
N TYR A 19 -20.89 4.96 14.34
CA TYR A 19 -21.32 5.02 15.72
C TYR A 19 -22.03 3.73 16.16
N GLN A 20 -22.73 3.06 15.23
CA GLN A 20 -23.31 1.74 15.49
C GLN A 20 -22.21 0.78 15.91
N GLU A 21 -21.16 0.72 15.09
CA GLU A 21 -20.04 -0.19 15.33
C GLU A 21 -19.32 0.11 16.63
N LEU A 22 -19.31 1.38 17.03
CA LEU A 22 -18.58 1.80 18.22
C LEU A 22 -19.44 1.75 19.48
N GLY A 23 -20.67 1.27 19.34
CA GLY A 23 -21.61 1.24 20.45
C GLY A 23 -22.07 2.61 20.92
N LYS A 24 -22.15 3.58 20.00
CA LYS A 24 -22.51 4.95 20.36
C LYS A 24 -23.68 5.50 19.54
N ALA A 25 -24.63 4.64 19.21
CA ALA A 25 -25.75 5.02 18.35
C ALA A 25 -26.61 6.16 18.91
N ALA A 26 -26.64 6.30 20.23
CA ALA A 26 -27.46 7.33 20.87
C ALA A 26 -26.90 8.74 20.66
N GLU A 27 -25.64 8.82 20.22
CA GLU A 27 -24.98 10.11 20.05
C GLU A 27 -25.06 10.61 18.60
N VAL A 28 -25.61 9.77 17.73
CA VAL A 28 -25.71 10.06 16.31
C VAL A 28 -26.50 11.34 16.02
N LYS A 29 -27.71 11.43 16.56
CA LYS A 29 -28.59 12.56 16.27
C LYS A 29 -27.92 13.92 16.55
N ASP A 30 -27.34 14.06 17.74
CA ASP A 30 -26.65 15.29 18.12
C ASP A 30 -25.42 15.57 17.25
N ARG A 31 -24.58 14.56 17.05
CA ARG A 31 -23.39 14.70 16.22
C ARG A 31 -23.82 15.09 14.80
N LEU A 32 -24.90 14.47 14.32
CA LEU A 32 -25.41 14.78 13.00
C LEU A 32 -25.92 16.22 12.94
N ALA A 33 -26.47 16.69 14.06
CA ALA A 33 -26.95 18.07 14.15
C ALA A 33 -25.80 19.05 13.96
N ASP A 34 -24.72 18.84 14.71
CA ASP A 34 -23.54 19.70 14.63
C ASP A 34 -22.96 19.70 13.22
N ILE A 35 -22.93 18.52 12.60
CA ILE A 35 -22.38 18.40 11.25
C ILE A 35 -23.21 19.19 10.24
N LYS A 36 -24.54 19.08 10.34
CA LYS A 36 -25.42 19.83 9.45
C LYS A 36 -25.12 21.32 9.48
N SER A 37 -24.92 21.86 10.68
CA SER A 37 -24.63 23.27 10.85
C SER A 37 -23.24 23.60 10.31
N GLU A 38 -22.27 22.74 10.64
CA GLU A 38 -20.90 22.96 10.22
C GLU A 38 -20.80 23.02 8.70
N ILE A 39 -21.49 22.11 8.03
CA ILE A 39 -21.52 22.11 6.57
C ILE A 39 -22.13 23.40 6.01
N ASP A 40 -23.34 23.73 6.48
CA ASP A 40 -24.02 24.96 6.09
C ASP A 40 -23.12 26.19 6.24
N LEU A 41 -22.51 26.30 7.42
CA LEU A 41 -21.72 27.48 7.76
C LEU A 41 -20.32 27.48 7.14
N THR A 42 -19.78 26.29 6.85
CA THR A 42 -18.38 26.18 6.41
C THR A 42 -18.17 25.51 5.06
N GLY A 43 -19.17 24.77 4.59
CA GLY A 43 -19.01 24.01 3.35
C GLY A 43 -18.40 22.64 3.57
N SER A 44 -17.96 22.36 4.80
CA SER A 44 -17.39 21.06 5.11
C SER A 44 -17.59 20.69 6.58
N TYR A 45 -17.00 19.59 7.00
CA TYR A 45 -17.02 19.20 8.40
C TYR A 45 -15.73 18.50 8.80
N VAL A 46 -15.49 18.41 10.10
CA VAL A 46 -14.22 17.90 10.60
C VAL A 46 -14.46 16.65 11.44
N HIS A 47 -13.76 15.55 11.10
CA HIS A 47 -13.92 14.31 11.84
C HIS A 47 -13.30 14.41 13.23
N THR A 48 -13.96 13.78 14.21
CA THR A 48 -13.35 13.56 15.52
C THR A 48 -12.22 12.54 15.34
N LYS A 49 -11.28 12.49 16.28
CA LYS A 49 -10.19 11.53 16.19
C LYS A 49 -10.73 10.09 16.11
N GLU A 50 -11.78 9.82 16.86
CA GLU A 50 -12.41 8.50 16.86
C GLU A 50 -13.03 8.14 15.50
N GLU A 51 -13.70 9.10 14.88
CA GLU A 51 -14.31 8.88 13.57
C GLU A 51 -13.26 8.63 12.52
N LEU A 52 -12.18 9.40 12.57
CA LEU A 52 -11.13 9.31 11.57
C LEU A 52 -10.46 7.95 11.67
N GLU A 53 -10.16 7.54 12.89
CA GLU A 53 -9.52 6.26 13.16
C GLU A 53 -10.40 5.09 12.68
N HIS A 54 -11.65 5.07 13.13
CA HIS A 54 -12.52 3.99 12.71
C HIS A 54 -12.80 4.01 11.20
N GLY A 55 -12.89 5.21 10.63
CA GLY A 55 -13.04 5.36 9.18
C GLY A 55 -11.91 4.74 8.38
N ALA A 56 -10.67 4.92 8.84
CA ALA A 56 -9.53 4.37 8.13
C ALA A 56 -9.56 2.86 8.23
N LYS A 57 -9.96 2.36 9.39
CA LYS A 57 -10.09 0.91 9.60
C LYS A 57 -11.20 0.32 8.72
N MET A 58 -12.34 1.00 8.64
CA MET A 58 -13.42 0.55 7.75
C MET A 58 -12.97 0.53 6.30
N ALA A 59 -12.21 1.55 5.90
CA ALA A 59 -11.73 1.64 4.52
C ALA A 59 -10.84 0.44 4.16
N TRP A 60 -10.01 0.03 5.10
CA TRP A 60 -9.20 -1.17 4.88
C TRP A 60 -10.11 -2.38 4.80
N ARG A 61 -11.05 -2.50 5.74
CA ARG A 61 -11.98 -3.61 5.77
C ARG A 61 -12.74 -3.75 4.45
N ASN A 62 -12.97 -2.62 3.79
CA ASN A 62 -13.74 -2.61 2.54
C ASN A 62 -12.89 -2.71 1.28
N SER A 63 -11.57 -2.88 1.42
CA SER A 63 -10.69 -2.89 0.26
C SER A 63 -10.74 -4.24 -0.46
N ASN A 64 -11.53 -4.30 -1.54
CA ASN A 64 -11.78 -5.57 -2.23
C ASN A 64 -10.56 -6.33 -2.71
N ARG A 65 -9.47 -5.62 -2.98
CA ARG A 65 -8.31 -6.28 -3.59
C ARG A 65 -7.29 -6.77 -2.56
N CYS A 66 -7.61 -6.61 -1.28
CA CYS A 66 -6.65 -6.92 -0.21
C CYS A 66 -6.96 -8.23 0.52
N ILE A 67 -6.02 -9.16 0.46
CA ILE A 67 -6.14 -10.46 1.11
C ILE A 67 -5.84 -10.36 2.62
N GLY A 68 -5.29 -9.23 3.06
CA GLY A 68 -4.77 -9.11 4.41
C GLY A 68 -5.74 -8.50 5.42
N ARG A 69 -7.01 -8.43 5.04
CA ARG A 69 -7.98 -7.68 5.82
C ARG A 69 -8.39 -8.22 7.20
N LEU A 70 -8.02 -9.44 7.55
CA LEU A 70 -8.37 -9.98 8.87
C LEU A 70 -7.99 -8.99 9.96
N PHE A 71 -6.88 -8.27 9.77
CA PHE A 71 -6.33 -7.44 10.84
C PHE A 71 -6.74 -5.98 10.79
N TRP A 72 -7.82 -5.71 10.05
CA TRP A 72 -8.33 -4.34 9.85
C TRP A 72 -8.49 -3.52 11.14
N ASN A 73 -8.93 -4.16 12.23
CA ASN A 73 -9.24 -3.42 13.45
C ASN A 73 -8.02 -3.07 14.29
N SER A 74 -6.84 -3.55 13.91
CA SER A 74 -5.64 -3.19 14.68
C SER A 74 -4.74 -2.20 13.94
N LEU A 75 -5.29 -1.58 12.89
CA LEU A 75 -4.56 -0.55 12.14
C LEU A 75 -4.15 0.59 13.07
N ASN A 76 -2.89 1.01 12.96
CA ASN A 76 -2.38 2.14 13.74
C ASN A 76 -2.61 3.43 12.96
N VAL A 77 -3.52 4.27 13.45
CA VAL A 77 -3.87 5.51 12.73
C VAL A 77 -3.20 6.73 13.31
N ILE A 78 -2.36 7.39 12.52
CA ILE A 78 -1.66 8.60 12.97
C ILE A 78 -2.30 9.84 12.36
N ASP A 79 -2.86 10.68 13.22
CA ASP A 79 -3.60 11.87 12.78
C ASP A 79 -2.67 13.07 12.58
N ARG A 80 -2.33 13.36 11.33
CA ARG A 80 -1.45 14.51 11.05
C ARG A 80 -2.17 15.60 10.26
N ARG A 81 -3.44 15.82 10.60
CA ARG A 81 -4.22 16.88 9.95
C ARG A 81 -3.72 18.26 10.37
N ASP A 82 -2.79 18.32 11.33
CA ASP A 82 -2.23 19.57 11.81
C ASP A 82 -1.05 20.13 10.99
N VAL A 83 -0.51 19.35 10.05
CA VAL A 83 0.68 19.82 9.32
C VAL A 83 0.36 20.94 8.36
N ARG A 84 1.27 21.90 8.26
CA ARG A 84 1.10 23.07 7.39
C ARG A 84 2.33 23.37 6.52
N THR A 85 3.48 22.79 6.88
CA THR A 85 4.74 23.09 6.18
C THR A 85 5.35 21.84 5.55
N LYS A 86 6.19 22.03 4.54
CA LYS A 86 6.79 20.89 3.86
C LYS A 86 7.76 20.14 4.79
N GLU A 87 8.42 20.87 5.70
CA GLU A 87 9.26 20.24 6.72
C GLU A 87 8.46 19.30 7.61
N GLU A 88 7.25 19.73 8.00
CA GLU A 88 6.39 18.90 8.83
C GLU A 88 5.91 17.65 8.07
N VAL A 89 5.61 17.82 6.79
CA VAL A 89 5.16 16.71 5.96
C VAL A 89 6.30 15.71 5.85
N ARG A 90 7.48 16.22 5.52
CA ARG A 90 8.66 15.38 5.40
C ARG A 90 8.91 14.59 6.68
N ASP A 91 8.89 15.28 7.82
CA ASP A 91 9.17 14.60 9.08
C ASP A 91 8.08 13.59 9.43
N ALA A 92 6.84 13.89 9.06
CA ALA A 92 5.74 12.93 9.28
C ALA A 92 5.92 11.66 8.44
N LEU A 93 6.43 11.83 7.22
CA LEU A 93 6.69 10.69 6.33
C LEU A 93 7.88 9.86 6.83
N PHE A 94 8.94 10.54 7.27
CA PHE A 94 10.07 9.84 7.90
C PHE A 94 9.58 9.09 9.12
N HIS A 95 8.72 9.72 9.91
CA HIS A 95 8.21 9.09 11.14
C HIS A 95 7.40 7.84 10.82
N HIS A 96 6.53 7.95 9.81
CA HIS A 96 5.73 6.80 9.38
C HIS A 96 6.65 5.62 9.06
N ILE A 97 7.66 5.86 8.23
CA ILE A 97 8.60 4.80 7.88
C ILE A 97 9.21 4.15 9.14
N GLU A 98 9.67 4.97 10.06
CA GLU A 98 10.31 4.48 11.28
C GLU A 98 9.34 3.68 12.15
N THR A 99 8.15 4.21 12.38
CA THR A 99 7.24 3.56 13.32
C THR A 99 6.62 2.30 12.72
N ALA A 100 6.41 2.31 11.39
CA ALA A 100 5.80 1.16 10.73
C ALA A 100 6.80 0.04 10.65
N THR A 101 8.06 0.40 10.43
CA THR A 101 9.14 -0.58 10.30
C THR A 101 9.35 -1.28 11.64
N ASN A 102 9.40 -0.49 12.71
CA ASN A 102 9.45 -1.02 14.06
C ASN A 102 10.54 -2.09 14.21
N ASN A 103 11.72 -1.77 13.71
CA ASN A 103 12.87 -2.67 13.75
C ASN A 103 12.64 -4.03 13.12
N GLY A 104 11.68 -4.12 12.20
CA GLY A 104 11.38 -5.37 11.53
C GLY A 104 10.03 -5.97 11.88
N LYS A 105 9.54 -5.68 13.09
CA LYS A 105 8.24 -6.21 13.49
C LYS A 105 7.18 -5.23 13.05
N ILE A 106 6.86 -5.29 11.76
CA ILE A 106 6.09 -4.26 11.05
C ILE A 106 4.72 -4.03 11.66
N ARG A 107 4.37 -2.75 11.82
CA ARG A 107 3.07 -2.35 12.36
C ARG A 107 2.27 -1.76 11.21
N PRO A 108 1.09 -2.34 10.90
CA PRO A 108 0.23 -1.72 9.89
C PRO A 108 -0.16 -0.31 10.36
N THR A 109 0.15 0.70 9.55
CA THR A 109 0.01 2.10 9.96
C THR A 109 -0.54 2.93 8.81
N ILE A 110 -1.30 3.96 9.15
CA ILE A 110 -1.65 4.97 8.16
C ILE A 110 -1.40 6.34 8.79
N THR A 111 -0.83 7.26 8.01
CA THR A 111 -0.68 8.65 8.44
C THR A 111 -1.64 9.49 7.61
N ILE A 112 -2.51 10.24 8.28
CA ILE A 112 -3.55 10.98 7.55
C ILE A 112 -3.26 12.49 7.55
N PHE A 113 -3.07 13.05 6.36
CA PHE A 113 -2.73 14.46 6.23
C PHE A 113 -4.03 15.28 6.02
N PRO A 114 -3.95 16.63 6.04
CA PRO A 114 -5.19 17.40 5.85
C PRO A 114 -5.92 17.04 4.56
N PRO A 115 -7.26 16.95 4.60
CA PRO A 115 -8.05 16.54 3.44
C PRO A 115 -8.20 17.67 2.43
N GLU A 116 -8.71 17.34 1.24
CA GLU A 116 -9.04 18.37 0.24
C GLU A 116 -10.08 19.31 0.81
N GLU A 117 -10.03 20.58 0.38
CA GLU A 117 -11.01 21.59 0.80
C GLU A 117 -12.13 21.77 -0.24
N LYS A 118 -11.88 22.63 -1.24
CA LYS A 118 -12.82 22.81 -2.34
C LYS A 118 -12.51 21.76 -3.41
N GLY A 119 -12.02 20.61 -2.96
CA GLY A 119 -11.41 19.65 -3.86
C GLY A 119 -9.99 20.13 -4.12
N GLU A 120 -9.57 21.14 -3.36
CA GLU A 120 -8.21 21.64 -3.44
C GLU A 120 -7.32 20.85 -2.48
N LYS A 121 -6.29 20.21 -3.02
CA LYS A 121 -5.37 19.41 -2.20
C LYS A 121 -4.50 20.32 -1.34
N GLN A 122 -4.28 19.93 -0.09
CA GLN A 122 -3.39 20.68 0.79
C GLN A 122 -1.96 20.16 0.61
N VAL A 123 -1.87 18.86 0.38
CA VAL A 123 -0.60 18.22 0.12
C VAL A 123 -0.84 17.11 -0.88
N GLU A 124 0.10 16.93 -1.81
CA GLU A 124 -0.06 15.96 -2.88
C GLU A 124 1.20 15.11 -2.96
N ILE A 125 1.13 13.84 -2.57
CA ILE A 125 2.31 12.98 -2.59
C ILE A 125 2.48 12.33 -3.95
N TRP A 126 3.64 12.53 -4.59
CA TRP A 126 3.91 11.99 -5.91
C TRP A 126 4.37 10.53 -5.91
N ASN A 127 5.03 10.10 -4.83
CA ASN A 127 5.51 8.72 -4.74
C ASN A 127 4.37 7.72 -4.84
N HIS A 128 4.61 6.59 -5.50
CA HIS A 128 3.62 5.54 -5.48
C HIS A 128 3.67 4.77 -4.16
N GLN A 129 4.87 4.40 -3.72
CA GLN A 129 5.09 3.97 -2.34
C GLN A 129 6.18 4.86 -1.75
N LEU A 130 6.16 5.05 -0.44
CA LEU A 130 7.18 5.91 0.18
C LEU A 130 8.59 5.39 -0.05
N ILE A 131 8.74 4.07 -0.04
CA ILE A 131 10.00 3.43 -0.37
C ILE A 131 9.80 2.67 -1.68
N ARG A 132 10.59 3.01 -2.69
CA ARG A 132 10.53 2.32 -3.98
C ARG A 132 11.80 2.58 -4.77
N TYR A 133 12.12 1.69 -5.70
CA TYR A 133 13.36 1.81 -6.44
C TYR A 133 13.13 2.55 -7.76
N ALA A 134 14.14 3.32 -8.17
CA ALA A 134 14.10 4.08 -9.41
C ALA A 134 14.25 3.14 -10.61
N GLY A 135 13.86 3.63 -11.78
CA GLY A 135 14.00 2.87 -13.01
C GLY A 135 14.42 3.79 -14.13
N TYR A 136 15.24 3.27 -15.03
CA TYR A 136 15.80 4.06 -16.13
C TYR A 136 15.71 3.24 -17.41
N GLU A 137 15.44 3.92 -18.52
CA GLU A 137 15.47 3.30 -19.84
C GLU A 137 15.95 4.36 -20.82
N SER A 138 17.05 4.07 -21.50
CA SER A 138 17.57 5.00 -22.48
C SER A 138 18.50 4.29 -23.44
N ASP A 139 18.19 4.37 -24.73
CA ASP A 139 19.01 3.81 -25.78
C ASP A 139 19.44 2.37 -25.46
N GLY A 140 18.46 1.47 -25.46
CA GLY A 140 18.72 0.05 -25.25
C GLY A 140 18.89 -0.39 -23.81
N GLU A 141 19.28 0.55 -22.93
CA GLU A 141 19.67 0.21 -21.56
C GLU A 141 18.53 0.29 -20.54
N ARG A 142 18.21 -0.84 -19.90
CA ARG A 142 17.26 -0.88 -18.78
C ARG A 142 18.00 -1.05 -17.44
N ILE A 143 17.74 -0.14 -16.51
CA ILE A 143 18.33 -0.23 -15.16
C ILE A 143 17.20 -0.04 -14.14
N GLY A 144 17.23 -0.81 -13.07
CA GLY A 144 16.29 -0.60 -11.95
C GLY A 144 14.89 -1.13 -12.23
N ASP A 145 13.90 -0.46 -11.65
CA ASP A 145 12.51 -0.91 -11.72
C ASP A 145 11.74 -0.19 -12.84
N PRO A 146 11.41 -0.90 -13.94
CA PRO A 146 10.70 -0.26 -15.05
C PRO A 146 9.42 0.44 -14.60
N ALA A 147 8.79 -0.07 -13.55
CA ALA A 147 7.54 0.53 -13.10
C ALA A 147 7.76 1.96 -12.60
N SER A 148 9.00 2.29 -12.27
CA SER A 148 9.32 3.62 -11.73
C SER A 148 9.88 4.58 -12.74
N CYS A 149 9.94 4.19 -14.01
CA CYS A 149 10.56 5.05 -15.02
C CYS A 149 9.96 6.45 -15.11
N SER A 150 8.63 6.57 -15.12
CA SER A 150 8.03 7.89 -15.32
C SER A 150 8.24 8.81 -14.11
N LEU A 151 8.14 8.27 -12.90
CA LEU A 151 8.37 9.07 -11.71
C LEU A 151 9.86 9.41 -11.57
N THR A 152 10.72 8.45 -11.92
CA THR A 152 12.16 8.70 -11.89
C THR A 152 12.54 9.85 -12.81
N ALA A 153 11.97 9.86 -14.01
CA ALA A 153 12.22 10.95 -14.96
C ALA A 153 11.71 12.29 -14.44
N ALA A 154 10.56 12.27 -13.77
CA ALA A 154 10.03 13.51 -13.20
C ALA A 154 10.94 14.03 -12.10
N CYS A 155 11.45 13.12 -11.28
CA CYS A 155 12.38 13.50 -10.22
C CYS A 155 13.64 14.12 -10.80
N GLU A 156 14.18 13.54 -11.86
CA GLU A 156 15.40 14.07 -12.44
C GLU A 156 15.17 15.40 -13.16
N GLU A 157 13.91 15.68 -13.48
CA GLU A 157 13.56 17.02 -13.98
C GLU A 157 13.63 18.07 -12.88
N LEU A 158 13.57 17.62 -11.63
CA LEU A 158 13.55 18.52 -10.49
C LEU A 158 14.90 18.64 -9.79
N GLY A 159 15.95 18.13 -10.43
CA GLY A 159 17.29 18.31 -9.93
C GLY A 159 17.86 17.12 -9.17
N TRP A 160 17.05 16.09 -8.96
CA TRP A 160 17.55 14.86 -8.35
C TRP A 160 18.32 14.10 -9.43
N ARG A 161 19.33 13.33 -9.01
CA ARG A 161 20.08 12.47 -9.92
C ARG A 161 20.26 11.12 -9.23
N GLY A 162 19.86 10.04 -9.90
CA GLY A 162 20.06 8.70 -9.35
C GLY A 162 21.44 8.17 -9.69
N GLU A 163 21.97 7.31 -8.82
CA GLU A 163 23.27 6.66 -9.06
C GLU A 163 23.22 5.61 -10.17
N ARG A 164 22.01 5.23 -10.56
CA ARG A 164 21.81 4.22 -11.61
C ARG A 164 22.33 2.82 -11.27
N THR A 165 22.15 2.44 -10.00
CA THR A 165 22.19 1.03 -9.61
C THR A 165 20.80 0.46 -9.90
N ASP A 166 20.63 -0.85 -9.73
CA ASP A 166 19.33 -1.47 -9.95
C ASP A 166 18.37 -1.21 -8.79
N PHE A 167 18.89 -0.61 -7.72
CA PHE A 167 18.09 -0.40 -6.51
C PHE A 167 18.30 1.00 -5.90
N ASP A 168 18.25 2.06 -6.71
CA ASP A 168 18.34 3.42 -6.19
C ASP A 168 17.06 3.71 -5.42
N LEU A 169 17.15 4.22 -4.19
CA LEU A 169 15.93 4.65 -3.49
C LEU A 169 15.46 5.99 -4.06
N LEU A 170 14.20 6.05 -4.50
CA LEU A 170 13.65 7.31 -4.96
C LEU A 170 13.55 8.23 -3.75
N PRO A 171 13.65 9.54 -3.98
CA PRO A 171 13.47 10.48 -2.89
C PRO A 171 11.97 10.61 -2.60
N LEU A 172 11.64 11.10 -1.41
CA LEU A 172 10.26 11.49 -1.16
C LEU A 172 9.99 12.70 -2.03
N ILE A 173 8.83 12.73 -2.68
CA ILE A 173 8.49 13.86 -3.52
C ILE A 173 7.01 14.21 -3.38
N PHE A 174 6.74 15.44 -2.95
CA PHE A 174 5.37 15.89 -2.74
C PHE A 174 5.26 17.39 -2.98
N ARG A 175 4.04 17.86 -3.22
CA ARG A 175 3.79 19.27 -3.49
C ARG A 175 2.80 19.84 -2.48
N MET A 176 3.10 21.04 -1.97
CA MET A 176 2.21 21.75 -1.06
C MET A 176 1.28 22.68 -1.82
N LYS A 177 0.09 22.90 -1.27
CA LYS A 177 -0.86 23.84 -1.82
C LYS A 177 -0.19 25.19 -1.97
N GLY A 178 -0.35 25.81 -3.13
CA GLY A 178 0.23 27.13 -3.36
C GLY A 178 1.55 27.07 -4.10
N ASP A 179 2.25 25.95 -3.97
CA ASP A 179 3.51 25.78 -4.67
C ASP A 179 3.27 25.22 -6.07
N GLU A 180 4.01 25.73 -7.04
CA GLU A 180 3.91 25.28 -8.42
C GLU A 180 4.57 23.91 -8.62
N GLN A 181 5.75 23.72 -8.02
CA GLN A 181 6.50 22.47 -8.14
C GLN A 181 6.53 21.70 -6.82
N PRO A 182 6.70 20.36 -6.90
CA PRO A 182 6.87 19.62 -5.65
C PRO A 182 8.29 19.82 -5.15
N VAL A 183 8.57 19.45 -3.91
CA VAL A 183 9.93 19.43 -3.39
C VAL A 183 10.33 17.97 -3.24
N TRP A 184 11.63 17.69 -3.18
CA TRP A 184 12.05 16.31 -2.93
C TRP A 184 13.13 16.24 -1.84
N TYR A 185 13.17 15.09 -1.17
CA TYR A 185 14.07 14.85 -0.05
C TYR A 185 14.62 13.44 -0.14
N GLU A 186 15.94 13.31 -0.12
CA GLU A 186 16.57 11.99 -0.13
C GLU A 186 16.16 11.23 1.15
N LEU A 187 15.82 9.94 1.01
CA LEU A 187 15.57 9.09 2.19
C LEU A 187 16.83 8.76 2.97
N PRO A 188 16.82 8.99 4.29
CA PRO A 188 17.97 8.56 5.12
C PRO A 188 18.09 7.03 5.09
N ARG A 189 19.25 6.51 4.74
CA ARG A 189 19.38 5.05 4.58
C ARG A 189 19.10 4.32 5.89
N SER A 190 19.42 4.96 7.01
CA SER A 190 19.18 4.39 8.33
C SER A 190 17.72 4.07 8.61
N LEU A 191 16.80 4.73 7.88
CA LEU A 191 15.37 4.51 8.04
C LEU A 191 14.86 3.32 7.26
N VAL A 192 15.60 2.92 6.23
CA VAL A 192 15.08 1.95 5.28
C VAL A 192 15.69 0.57 5.45
N ILE A 193 14.89 -0.38 5.94
CA ILE A 193 15.34 -1.75 6.03
C ILE A 193 15.24 -2.41 4.65
N GLU A 194 16.31 -3.10 4.25
CA GLU A 194 16.31 -3.88 3.02
C GLU A 194 16.75 -5.28 3.37
N VAL A 195 16.33 -6.24 2.56
CA VAL A 195 16.57 -7.64 2.84
C VAL A 195 17.29 -8.25 1.64
N PRO A 196 18.53 -8.70 1.83
CA PRO A 196 19.20 -9.40 0.72
C PRO A 196 18.52 -10.77 0.54
N ILE A 197 18.33 -11.19 -0.71
CA ILE A 197 17.66 -12.46 -0.96
C ILE A 197 18.67 -13.60 -1.07
N THR A 198 18.55 -14.55 -0.15
CA THR A 198 19.34 -15.78 -0.19
C THR A 198 18.37 -16.95 -0.15
N HIS A 199 18.87 -18.14 -0.46
CA HIS A 199 18.03 -19.34 -0.49
C HIS A 199 18.47 -20.27 0.62
N PRO A 200 17.50 -20.94 1.27
CA PRO A 200 17.84 -21.79 2.41
C PRO A 200 18.79 -22.94 2.09
N ASP A 201 18.81 -23.42 0.84
CA ASP A 201 19.58 -24.60 0.46
C ASP A 201 20.64 -24.33 -0.61
N ILE A 202 20.33 -23.40 -1.51
CA ILE A 202 21.16 -23.16 -2.69
C ILE A 202 22.09 -21.97 -2.47
N GLU A 203 23.35 -22.26 -2.17
CA GLU A 203 24.27 -21.20 -1.78
C GLU A 203 24.55 -20.20 -2.90
N ALA A 204 24.46 -20.67 -4.14
CA ALA A 204 24.73 -19.81 -5.28
C ALA A 204 23.66 -18.73 -5.48
N PHE A 205 22.52 -18.84 -4.79
CA PHE A 205 21.43 -17.88 -5.00
C PHE A 205 21.88 -16.45 -4.75
N SER A 206 22.81 -16.26 -3.83
CA SER A 206 23.29 -14.93 -3.45
C SER A 206 24.07 -14.26 -4.59
N ASP A 207 24.49 -15.05 -5.58
CA ASP A 207 25.18 -14.52 -6.75
C ASP A 207 24.29 -13.59 -7.57
N LEU A 208 22.98 -13.74 -7.44
CA LEU A 208 22.04 -12.89 -8.17
C LEU A 208 22.03 -11.47 -7.60
N GLU A 209 22.56 -11.33 -6.39
CA GLU A 209 22.60 -10.04 -5.71
C GLU A 209 21.23 -9.37 -5.70
N LEU A 210 20.18 -10.14 -5.43
CA LEU A 210 18.84 -9.57 -5.31
C LEU A 210 18.64 -9.05 -3.90
N LYS A 211 17.82 -8.02 -3.77
CA LYS A 211 17.35 -7.56 -2.47
C LYS A 211 16.00 -6.89 -2.67
N TRP A 212 15.29 -6.62 -1.58
CA TRP A 212 14.06 -5.84 -1.64
C TRP A 212 13.92 -5.08 -0.32
N TYR A 213 13.05 -4.08 -0.31
CA TYR A 213 12.84 -3.28 0.89
C TYR A 213 11.80 -3.93 1.79
N GLY A 214 11.86 -3.60 3.07
CA GLY A 214 11.04 -4.28 4.06
C GLY A 214 9.55 -3.96 4.02
N VAL A 215 9.19 -2.71 3.76
CA VAL A 215 7.84 -2.25 4.04
C VAL A 215 7.16 -1.60 2.84
N PRO A 216 6.03 -2.17 2.37
CA PRO A 216 5.30 -1.56 1.26
C PRO A 216 4.36 -0.49 1.80
N ILE A 217 4.58 0.77 1.40
CA ILE A 217 3.82 1.88 1.96
C ILE A 217 3.16 2.66 0.84
N ILE A 218 1.94 2.27 0.46
CA ILE A 218 1.23 2.93 -0.66
C ILE A 218 0.89 4.36 -0.31
N SER A 219 1.34 5.30 -1.14
CA SER A 219 1.28 6.71 -0.78
C SER A 219 0.54 7.59 -1.78
N ASP A 220 -0.13 6.98 -2.75
CA ASP A 220 -0.78 7.78 -3.78
C ASP A 220 -2.27 7.45 -3.93
N MET A 221 -2.86 6.78 -2.95
CA MET A 221 -4.30 6.54 -3.00
C MET A 221 -5.05 7.50 -2.11
N LYS A 222 -6.33 7.67 -2.40
CA LYS A 222 -7.18 8.59 -1.65
C LYS A 222 -8.05 7.82 -0.69
N LEU A 223 -8.02 8.21 0.59
CA LEU A 223 -8.91 7.65 1.60
C LEU A 223 -10.17 8.50 1.63
N GLU A 224 -11.32 7.89 1.38
CA GLU A 224 -12.58 8.61 1.48
C GLU A 224 -13.37 8.12 2.67
N VAL A 225 -13.73 9.06 3.55
CA VAL A 225 -14.48 8.75 4.75
C VAL A 225 -15.62 9.76 4.91
N GLY A 226 -16.85 9.28 4.82
CA GLY A 226 -18.01 10.15 5.03
C GLY A 226 -18.00 11.44 4.22
N GLY A 227 -17.68 11.33 2.93
CA GLY A 227 -17.70 12.51 2.07
C GLY A 227 -16.46 13.38 2.15
N ILE A 228 -15.53 13.03 3.03
CA ILE A 228 -14.30 13.80 3.15
C ILE A 228 -13.17 13.06 2.42
N HIS A 229 -12.39 13.80 1.64
CA HIS A 229 -11.41 13.20 0.73
C HIS A 229 -9.99 13.40 1.22
N TYR A 230 -9.43 12.35 1.84
CA TYR A 230 -8.05 12.42 2.29
C TYR A 230 -7.13 11.88 1.18
N ASN A 231 -6.76 12.76 0.25
CA ASN A 231 -5.96 12.39 -0.91
C ASN A 231 -4.52 12.05 -0.53
N ALA A 232 -4.09 12.53 0.63
CA ALA A 232 -2.75 12.22 1.11
C ALA A 232 -2.86 11.44 2.41
N ALA A 233 -2.67 10.14 2.33
CA ALA A 233 -2.83 9.27 3.50
C ALA A 233 -2.10 7.95 3.30
N PRO A 234 -0.77 7.98 3.39
CA PRO A 234 -0.03 6.74 3.09
C PRO A 234 -0.28 5.66 4.13
N PHE A 235 -0.30 4.40 3.67
CA PHE A 235 -0.59 3.27 4.54
C PHE A 235 0.29 2.08 4.19
N ASN A 236 0.55 1.24 5.18
CA ASN A 236 1.39 0.07 4.95
C ASN A 236 0.88 -1.14 5.70
N GLY A 237 1.28 -2.30 5.19
CA GLY A 237 1.15 -3.55 5.91
C GLY A 237 2.52 -4.17 5.92
N TRP A 238 2.57 -5.49 6.08
CA TRP A 238 3.77 -6.25 5.73
C TRP A 238 3.49 -6.98 4.43
N TYR A 239 4.56 -7.41 3.76
CA TYR A 239 4.42 -8.06 2.45
C TYR A 239 3.85 -9.48 2.55
N MET A 240 3.09 -9.86 1.53
CA MET A 240 2.91 -11.27 1.22
C MET A 240 4.02 -11.63 0.23
N GLY A 241 4.71 -12.75 0.49
CA GLY A 241 5.92 -13.08 -0.26
C GLY A 241 5.79 -13.06 -1.79
N THR A 242 4.66 -13.54 -2.30
CA THR A 242 4.43 -13.55 -3.74
C THR A 242 4.51 -12.17 -4.41
N GLU A 243 4.19 -11.12 -3.65
CA GLU A 243 4.28 -9.77 -4.22
C GLU A 243 5.68 -9.51 -4.72
N ILE A 244 6.66 -9.99 -3.96
CA ILE A 244 8.06 -9.76 -4.28
C ILE A 244 8.55 -10.84 -5.23
N GLY A 245 8.31 -12.09 -4.87
CA GLY A 245 8.88 -13.22 -5.58
C GLY A 245 8.19 -13.60 -6.88
N ALA A 246 6.90 -13.32 -7.00
CA ALA A 246 6.15 -13.76 -8.17
C ALA A 246 5.84 -12.61 -9.09
N ARG A 247 6.05 -11.39 -8.61
CA ARG A 247 5.68 -10.21 -9.38
C ARG A 247 6.82 -9.20 -9.51
N ASN A 248 7.22 -8.58 -8.39
CA ASN A 248 8.24 -7.54 -8.47
C ASN A 248 9.54 -8.04 -9.07
N LEU A 249 9.97 -9.23 -8.69
CA LEU A 249 11.24 -9.74 -9.18
C LEU A 249 11.08 -10.64 -10.42
N ALA A 250 9.84 -11.04 -10.71
CA ALA A 250 9.57 -12.04 -11.75
C ALA A 250 8.99 -11.52 -13.07
N ASP A 251 8.12 -10.50 -13.00
CA ASP A 251 7.43 -10.02 -14.18
C ASP A 251 8.46 -9.57 -15.23
N GLU A 252 8.17 -9.86 -16.50
CA GLU A 252 9.03 -9.41 -17.60
C GLU A 252 9.11 -7.89 -17.64
N LYS A 253 8.04 -7.21 -17.25
CA LYS A 253 8.01 -5.75 -17.18
C LYS A 253 8.48 -5.18 -15.83
N ARG A 254 8.98 -6.03 -14.94
CA ARG A 254 9.63 -5.57 -13.72
C ARG A 254 11.09 -6.01 -13.73
N TYR A 255 11.57 -6.67 -12.68
CA TYR A 255 12.98 -7.09 -12.67
C TYR A 255 13.33 -8.31 -13.53
N ASP A 256 12.33 -9.10 -13.92
CA ASP A 256 12.51 -10.12 -14.97
C ASP A 256 13.63 -11.12 -14.67
N LYS A 257 13.64 -11.66 -13.45
CA LYS A 257 14.75 -12.51 -13.00
C LYS A 257 14.60 -14.02 -13.20
N LEU A 258 13.52 -14.50 -13.80
CA LEU A 258 13.31 -15.95 -13.83
C LEU A 258 14.41 -16.75 -14.58
N LYS A 259 14.90 -16.20 -15.69
CA LYS A 259 15.94 -16.90 -16.44
C LYS A 259 17.21 -17.01 -15.59
N LYS A 260 17.55 -15.92 -14.89
CA LYS A 260 18.72 -15.93 -14.03
C LYS A 260 18.54 -16.84 -12.82
N VAL A 261 17.32 -16.89 -12.30
CA VAL A 261 17.03 -17.82 -11.21
C VAL A 261 17.21 -19.25 -11.68
N ALA A 262 16.68 -19.57 -12.85
CA ALA A 262 16.79 -20.92 -13.40
C ALA A 262 18.26 -21.33 -13.48
N SER A 263 19.10 -20.42 -13.95
CA SER A 263 20.51 -20.73 -14.10
C SER A 263 21.17 -21.04 -12.75
N VAL A 264 20.91 -20.22 -11.73
CA VAL A 264 21.58 -20.44 -10.44
C VAL A 264 21.07 -21.65 -9.68
N ILE A 265 19.82 -22.06 -9.94
CA ILE A 265 19.31 -23.27 -9.31
C ILE A 265 19.63 -24.50 -10.15
N GLY A 266 20.34 -24.28 -11.24
CA GLY A 266 20.90 -25.38 -12.01
C GLY A 266 19.92 -26.16 -12.86
N ILE A 267 18.89 -25.50 -13.36
CA ILE A 267 17.99 -26.14 -14.31
C ILE A 267 18.03 -25.43 -15.66
N ALA A 268 17.76 -26.17 -16.73
CA ALA A 268 17.73 -25.62 -18.07
C ALA A 268 16.50 -24.74 -18.27
N ALA A 269 16.63 -23.67 -19.05
CA ALA A 269 15.51 -22.78 -19.33
C ALA A 269 15.22 -22.77 -20.83
N ASP A 270 15.11 -23.98 -21.39
CA ASP A 270 15.03 -24.16 -22.84
C ASP A 270 13.64 -24.63 -23.31
N TYR A 271 12.93 -25.38 -22.47
CA TYR A 271 11.70 -26.04 -22.91
C TYR A 271 10.51 -25.71 -22.03
N ASN A 272 9.39 -25.29 -22.63
CA ASN A 272 8.21 -24.96 -21.82
C ASN A 272 7.74 -26.16 -21.00
N THR A 273 7.80 -27.34 -21.60
CA THR A 273 7.35 -28.57 -20.95
C THR A 273 8.16 -28.97 -19.70
N ASP A 274 9.35 -28.38 -19.53
CA ASP A 274 10.13 -28.62 -18.31
C ASP A 274 9.60 -27.83 -17.11
N LEU A 275 8.68 -26.91 -17.38
CA LEU A 275 8.11 -26.00 -16.36
C LEU A 275 9.19 -25.27 -15.57
N TRP A 276 10.23 -24.84 -16.26
CA TRP A 276 11.33 -24.17 -15.59
C TRP A 276 10.92 -22.85 -14.98
N LYS A 277 9.98 -22.15 -15.61
CA LYS A 277 9.53 -20.89 -15.01
C LYS A 277 8.82 -21.16 -13.71
N ASP A 278 8.03 -22.22 -13.68
CA ASP A 278 7.27 -22.56 -12.49
C ASP A 278 8.20 -22.97 -11.36
N GLN A 279 9.22 -23.75 -11.68
CA GLN A 279 10.21 -24.21 -10.70
C GLN A 279 11.01 -23.02 -10.16
N ALA A 280 11.46 -22.16 -11.07
CA ALA A 280 12.19 -20.96 -10.69
C ALA A 280 11.34 -20.05 -9.81
N LEU A 281 10.06 -19.91 -10.15
CA LEU A 281 9.15 -19.11 -9.31
C LEU A 281 9.04 -19.67 -7.89
N VAL A 282 8.91 -20.99 -7.78
CA VAL A 282 8.80 -21.60 -6.45
C VAL A 282 10.08 -21.36 -5.65
N GLU A 283 11.24 -21.55 -6.28
CA GLU A 283 12.48 -21.36 -5.53
C GLU A 283 12.74 -19.90 -5.16
N LEU A 284 12.40 -18.97 -6.05
CA LEU A 284 12.53 -17.54 -5.76
C LEU A 284 11.61 -17.14 -4.62
N ASN A 285 10.39 -17.67 -4.63
CA ASN A 285 9.45 -17.35 -3.56
C ASN A 285 9.82 -17.97 -2.22
N LYS A 286 10.44 -19.16 -2.24
CA LYS A 286 10.97 -19.76 -1.03
C LYS A 286 12.12 -18.89 -0.49
N ALA A 287 12.94 -18.38 -1.39
CA ALA A 287 14.10 -17.57 -0.99
C ALA A 287 13.64 -16.27 -0.33
N VAL A 288 12.63 -15.64 -0.91
CA VAL A 288 12.08 -14.41 -0.38
C VAL A 288 11.58 -14.61 1.06
N LEU A 289 10.74 -15.61 1.27
CA LEU A 289 10.23 -15.88 2.61
C LEU A 289 11.35 -16.20 3.61
N HIS A 290 12.26 -17.07 3.21
CA HIS A 290 13.41 -17.43 4.04
C HIS A 290 14.24 -16.21 4.46
N SER A 291 14.46 -15.31 3.50
CA SER A 291 15.33 -14.17 3.72
C SER A 291 14.74 -13.15 4.68
N TYR A 292 13.46 -12.83 4.50
CA TYR A 292 12.77 -11.90 5.40
C TYR A 292 12.73 -12.47 6.82
N LYS A 293 12.46 -13.77 6.93
CA LYS A 293 12.37 -14.38 8.24
C LYS A 293 13.73 -14.42 8.93
N LYS A 294 14.78 -14.70 8.17
CA LYS A 294 16.13 -14.73 8.73
C LYS A 294 16.53 -13.37 9.28
N GLN A 295 16.09 -12.31 8.61
CA GLN A 295 16.45 -10.96 9.01
C GLN A 295 15.48 -10.38 10.05
N GLY A 296 14.45 -11.14 10.40
CA GLY A 296 13.52 -10.68 11.41
C GLY A 296 12.62 -9.56 10.93
N VAL A 297 12.29 -9.61 9.64
CA VAL A 297 11.34 -8.66 9.06
C VAL A 297 10.03 -9.38 8.74
N SER A 298 8.92 -8.81 9.17
CA SER A 298 7.62 -9.47 9.04
C SER A 298 7.29 -9.75 7.58
N ILE A 299 6.73 -10.94 7.33
CA ILE A 299 6.27 -11.31 5.99
C ILE A 299 5.23 -12.42 6.21
N VAL A 300 4.34 -12.62 5.24
CA VAL A 300 3.39 -13.72 5.28
C VAL A 300 3.44 -14.49 3.96
N ASP A 301 3.34 -15.82 4.02
CA ASP A 301 3.27 -16.60 2.80
C ASP A 301 1.81 -16.64 2.33
N HIS A 302 1.59 -16.98 1.07
CA HIS A 302 0.25 -16.90 0.51
C HIS A 302 -0.71 -17.95 1.07
N HIS A 303 -0.21 -19.08 1.57
CA HIS A 303 -1.09 -20.07 2.19
C HIS A 303 -1.64 -19.56 3.51
N THR A 304 -0.74 -19.05 4.36
CA THR A 304 -1.13 -18.50 5.65
C THR A 304 -2.06 -17.30 5.44
N ALA A 305 -1.71 -16.43 4.50
CA ALA A 305 -2.54 -15.26 4.22
C ALA A 305 -3.93 -15.66 3.80
N ALA A 306 -4.05 -16.67 2.94
CA ALA A 306 -5.38 -17.13 2.54
C ALA A 306 -6.16 -17.72 3.70
N SER A 307 -5.48 -18.43 4.60
CA SER A 307 -6.13 -18.96 5.81
C SER A 307 -6.65 -17.85 6.68
N GLN A 308 -5.86 -16.78 6.82
CA GLN A 308 -6.29 -15.60 7.56
C GLN A 308 -7.48 -14.97 6.87
N PHE A 309 -7.46 -14.90 5.54
CA PHE A 309 -8.58 -14.27 4.82
C PHE A 309 -9.88 -15.08 5.00
N LYS A 310 -9.75 -16.41 5.08
CA LYS A 310 -10.91 -17.25 5.37
C LYS A 310 -11.50 -16.85 6.70
N ARG A 311 -10.65 -16.59 7.70
CA ARG A 311 -11.16 -16.13 8.99
C ARG A 311 -11.84 -14.77 8.88
N PHE A 312 -11.31 -13.90 8.03
CA PHE A 312 -11.96 -12.61 7.75
C PHE A 312 -13.36 -12.82 7.20
N GLU A 313 -13.51 -13.76 6.26
CA GLU A 313 -14.84 -14.07 5.72
C GLU A 313 -15.79 -14.53 6.82
N GLU A 314 -15.29 -15.43 7.66
CA GLU A 314 -16.09 -15.98 8.76
C GLU A 314 -16.51 -14.89 9.74
N GLN A 315 -15.60 -13.97 10.04
CA GLN A 315 -15.93 -12.86 10.93
C GLN A 315 -16.94 -11.90 10.35
N ALA A 316 -16.87 -11.67 9.04
CA ALA A 316 -17.85 -10.80 8.38
C ALA A 316 -19.26 -11.36 8.55
N GLU A 317 -19.41 -12.64 8.24
CA GLU A 317 -20.72 -13.28 8.38
C GLU A 317 -21.18 -13.30 9.83
N GLU A 318 -20.26 -13.51 10.76
CA GLU A 318 -20.60 -13.50 12.17
C GLU A 318 -21.10 -12.14 12.64
N ALA A 319 -20.50 -11.08 12.10
CA ALA A 319 -20.87 -9.71 12.45
C ALA A 319 -22.06 -9.22 11.66
N GLY A 320 -22.56 -10.06 10.75
CA GLY A 320 -23.68 -9.68 9.91
C GLY A 320 -23.34 -8.64 8.86
N ARG A 321 -22.07 -8.56 8.48
CA ARG A 321 -21.64 -7.64 7.43
C ARG A 321 -21.47 -8.39 6.12
N LYS A 322 -21.91 -7.79 5.02
CA LYS A 322 -21.65 -8.37 3.71
C LYS A 322 -20.15 -8.35 3.43
N LEU A 323 -19.69 -9.38 2.74
CA LEU A 323 -18.29 -9.47 2.32
C LEU A 323 -18.19 -9.00 0.88
N THR A 324 -17.21 -8.15 0.59
CA THR A 324 -16.94 -7.81 -0.79
C THR A 324 -15.50 -8.14 -1.12
N GLY A 325 -15.23 -8.44 -2.38
CA GLY A 325 -13.89 -8.82 -2.79
C GLY A 325 -13.71 -8.86 -4.29
N ASP A 326 -12.46 -8.71 -4.72
CA ASP A 326 -12.11 -8.83 -6.13
C ASP A 326 -11.33 -10.12 -6.31
N TRP A 327 -12.02 -11.15 -6.80
CA TRP A 327 -11.43 -12.49 -6.97
C TRP A 327 -10.12 -12.42 -7.73
N THR A 328 -10.07 -11.56 -8.75
CA THR A 328 -8.90 -11.50 -9.64
C THR A 328 -7.65 -11.00 -8.93
N TRP A 329 -7.82 -10.24 -7.87
CA TRP A 329 -6.69 -9.75 -7.07
C TRP A 329 -6.43 -10.57 -5.82
N LEU A 330 -7.47 -11.23 -5.29
CA LEU A 330 -7.32 -11.99 -4.06
C LEU A 330 -6.56 -13.30 -4.28
N ILE A 331 -6.77 -13.96 -5.43
CA ILE A 331 -6.01 -15.20 -5.69
C ILE A 331 -4.52 -14.89 -5.78
N PRO A 332 -3.68 -15.70 -5.10
CA PRO A 332 -2.24 -15.46 -5.23
C PRO A 332 -1.75 -15.85 -6.61
N PRO A 333 -0.65 -15.23 -7.08
CA PRO A 333 -0.11 -15.46 -8.43
C PRO A 333 0.70 -16.75 -8.54
N ILE A 334 0.89 -17.48 -7.44
CA ILE A 334 1.35 -18.85 -7.59
C ILE A 334 0.45 -19.80 -6.78
N SER A 335 0.30 -21.01 -7.29
CA SER A 335 -0.62 -22.02 -6.79
C SER A 335 -1.98 -21.50 -6.33
N PRO A 336 -2.65 -20.68 -7.15
CA PRO A 336 -3.91 -20.13 -6.62
C PRO A 336 -4.95 -21.20 -6.27
N ALA A 337 -4.96 -22.31 -7.00
CA ALA A 337 -6.00 -23.32 -6.76
C ALA A 337 -5.73 -24.12 -5.49
N ALA A 338 -4.56 -23.91 -4.86
CA ALA A 338 -4.27 -24.50 -3.56
C ALA A 338 -4.87 -23.68 -2.42
N THR A 339 -5.53 -22.57 -2.75
CA THR A 339 -6.21 -21.75 -1.75
C THR A 339 -7.73 -21.83 -1.90
N HIS A 340 -8.44 -21.62 -0.80
CA HIS A 340 -9.90 -21.67 -0.85
C HIS A 340 -10.46 -20.55 -1.71
N ILE A 341 -9.69 -19.47 -1.84
CA ILE A 341 -10.15 -18.28 -2.56
C ILE A 341 -10.48 -18.65 -4.00
N PHE A 342 -9.62 -19.47 -4.60
CA PHE A 342 -9.80 -19.86 -6.00
C PHE A 342 -11.15 -20.52 -6.25
N HIS A 343 -11.65 -21.24 -5.24
CA HIS A 343 -12.83 -22.09 -5.43
C HIS A 343 -14.15 -21.47 -4.99
N ARG A 344 -14.14 -20.18 -4.66
CA ARG A 344 -15.40 -19.50 -4.42
C ARG A 344 -15.45 -18.19 -5.18
N SER A 345 -16.57 -17.48 -5.12
CA SER A 345 -16.67 -16.22 -5.82
C SER A 345 -16.89 -15.09 -4.80
N TYR A 346 -16.68 -13.85 -5.25
CA TYR A 346 -16.84 -12.70 -4.37
C TYR A 346 -17.60 -11.58 -5.07
N ASP A 347 -18.43 -10.87 -4.30
CA ASP A 347 -19.12 -9.68 -4.77
C ASP A 347 -18.15 -8.49 -4.80
N ASN A 348 -17.87 -7.97 -6.00
CA ASN A 348 -16.89 -6.88 -6.17
C ASN A 348 -17.51 -5.48 -6.05
N SER A 349 -18.59 -5.36 -5.30
CA SER A 349 -19.22 -4.05 -5.08
C SER A 349 -18.31 -3.13 -4.27
N ILE A 350 -18.36 -1.84 -4.57
CA ILE A 350 -17.61 -0.84 -3.82
C ILE A 350 -18.41 -0.33 -2.63
N VAL A 351 -17.86 -0.51 -1.42
CA VAL A 351 -18.48 0.01 -0.20
C VAL A 351 -17.54 1.08 0.38
N LYS A 352 -18.10 2.17 0.90
CA LYS A 352 -17.30 3.21 1.53
C LYS A 352 -17.50 3.20 3.04
N PRO A 353 -16.51 3.67 3.82
CA PRO A 353 -15.19 4.23 3.50
C PRO A 353 -14.31 3.27 2.70
N ASN A 354 -13.41 3.81 1.89
CA ASN A 354 -12.53 2.98 1.08
C ASN A 354 -11.32 3.77 0.59
N TYR A 355 -10.35 3.06 0.01
CA TYR A 355 -9.18 3.68 -0.64
C TYR A 355 -9.36 3.61 -2.15
N PHE A 356 -9.04 4.72 -2.84
CA PHE A 356 -9.28 4.84 -4.29
C PHE A 356 -8.04 5.30 -5.03
N TYR A 357 -7.94 4.91 -6.30
CA TYR A 357 -6.88 5.43 -7.17
C TYR A 357 -7.12 6.90 -7.45
N GLN A 358 -6.05 7.63 -7.76
CA GLN A 358 -6.19 9.00 -8.26
C GLN A 358 -5.17 9.23 -9.38
N ASP A 359 -5.42 10.27 -10.20
CA ASP A 359 -4.52 10.55 -11.32
C ASP A 359 -3.13 10.95 -10.85
N LYS A 360 -2.10 10.49 -11.55
CA LYS A 360 -0.72 10.85 -11.22
C LYS A 360 -0.43 12.25 -11.76
N PRO A 361 0.19 13.11 -10.93
CA PRO A 361 0.50 14.47 -11.36
C PRO A 361 1.69 14.54 -12.33
N TYR A 362 2.49 13.49 -12.34
CA TYR A 362 3.46 13.26 -13.40
C TYR A 362 2.67 12.39 -14.39
N GLU A 363 3.19 12.15 -15.59
CA GLU A 363 2.40 11.51 -16.66
C GLU A 363 1.21 12.35 -17.15
CHA HEM B . -3.62 -4.86 -1.85
CHB HEM B . -1.78 -7.96 1.41
CHC HEM B . -2.24 -4.49 4.80
CHD HEM B . -5.07 -1.93 1.78
C1A HEM B . -2.94 -5.90 -1.25
C2A HEM B . -2.27 -6.90 -2.00
C3A HEM B . -1.75 -7.79 -1.09
C4A HEM B . -2.10 -7.33 0.22
CMA HEM B . -0.95 -9.03 -1.40
CAA HEM B . -2.13 -6.95 -3.52
CBA HEM B . -1.07 -5.92 -3.94
CGA HEM B . -0.71 -5.92 -5.42
O1A HEM B . -0.78 -6.97 -6.11
O2A HEM B . -0.32 -4.84 -5.95
C1B HEM B . -1.71 -7.26 2.62
C2B HEM B . -1.00 -7.72 3.76
C3B HEM B . -1.11 -6.76 4.72
C4B HEM B . -1.93 -5.69 4.13
CMB HEM B . -0.25 -9.02 3.90
CAB HEM B . -0.50 -6.86 6.07
CBB HEM B . -1.00 -6.29 7.18
C1C HEM B . -3.00 -3.45 4.27
C2C HEM B . -3.34 -2.25 4.92
C3C HEM B . -4.15 -1.51 4.07
C4C HEM B . -4.31 -2.28 2.88
CMC HEM B . -2.85 -1.88 6.31
CAC HEM B . -4.78 -0.17 4.29
CBC HEM B . -4.94 0.41 5.49
C1D HEM B . -4.83 -2.57 0.54
C2D HEM B . -5.29 -1.93 -0.70
C3D HEM B . -4.90 -2.74 -1.71
C4D HEM B . -4.19 -3.86 -1.06
CMD HEM B . -6.06 -0.64 -0.86
CAD HEM B . -5.13 -2.52 -3.19
CBD HEM B . -4.05 -1.61 -3.79
CGD HEM B . -4.11 -1.45 -5.28
O1D HEM B . -3.03 -1.25 -5.92
O2D HEM B . -5.19 -1.48 -5.90
NA HEM B . -2.86 -6.18 0.11
NB HEM B . -2.22 -6.05 2.86
NC HEM B . -3.61 -3.48 3.06
ND HEM B . -4.14 -3.71 0.28
FE HEM B . -3.44 -4.93 1.57
N1 H4B C . -3.78 -9.40 -8.60
C2 H4B C . -2.93 -8.71 -7.83
N2 H4B C . -2.89 -9.00 -6.50
N3 H4B C . -2.12 -7.74 -8.33
C4 H4B C . -2.10 -7.39 -9.63
O4 H4B C . -1.32 -6.48 -10.06
C4A H4B C . -3.02 -8.11 -10.54
C8A H4B C . -3.86 -9.16 -9.93
N5 H4B C . -3.13 -7.87 -11.86
N8 H4B C . -4.73 -9.87 -10.68
C6 H4B C . -4.43 -8.19 -12.43
C7 H4B C . -4.81 -9.62 -12.10
C9 H4B C . -4.40 -7.98 -13.93
O9 H4B C . -3.30 -8.77 -14.41
C10 H4B C . -5.68 -8.40 -14.67
C11 H4B C . -5.73 -7.69 -16.02
O10 H4B C . -6.89 -8.13 -13.95
CL CL D . 5.27 -3.80 -4.04
C07 7S9 E . -0.61 -1.80 2.30
C06 7S9 E . 0.77 -3.52 -0.77
C05 7S9 E . 0.20 -2.57 0.06
C04 7S9 E . -0.01 -2.85 1.39
C03 7S9 E . 0.36 -4.10 1.89
C02 7S9 E . 0.90 -5.04 1.02
N02 7S9 E . 1.28 -6.29 1.45
N01 7S9 E . 1.10 -4.74 -0.29
C08 7S9 E . 0.96 -3.18 -2.23
C09 7S9 E . 2.33 -3.36 -2.84
C16 7S9 E . 1.63 -1.22 -6.38
C15 7S9 E . 2.08 -2.49 -6.57
C14 7S9 E . 2.34 -3.26 -5.44
C13 7S9 E . 2.13 -2.67 -4.18
C12 7S9 E . 1.67 -1.36 -4.10
N11 7S9 E . 1.45 -0.67 -5.19
C17 7S9 E . 2.19 -2.86 -8.03
C18 7S9 E . 1.04 -2.04 -8.63
N19 7S9 E . 0.77 -2.11 -10.07
C20 7S9 E . -0.56 -2.69 -10.27
C21 7S9 E . 0.68 -0.72 -10.53
#